data_1V84
#
_entry.id   1V84
#
_cell.length_a   61.311
_cell.length_b   85.782
_cell.length_c   122.766
_cell.angle_alpha   90.00
_cell.angle_beta   90.00
_cell.angle_gamma   90.00
#
_symmetry.space_group_name_H-M   'P 21 21 21'
#
loop_
_entity.id
_entity.type
_entity.pdbx_description
1 polymer 'Galactosylgalactosylxylosylprotein 3-beta-glucuronosyltransferase 1'
2 branched beta-D-galactopyranose-(1-4)-2-acetamido-2-deoxy-alpha-D-glucopyranose
3 branched beta-D-galactopyranose-(1-4)-2-acetamido-2-deoxy-beta-D-glucopyranose
4 non-polymer 'MANGANESE (II) ION'
5 non-polymer 'L(+)-TARTARIC ACID'
6 non-polymer "URIDINE-5'-DIPHOSPHATE"
7 water water
#
_entity_poly.entity_id   1
_entity_poly.type   'polypeptide(L)'
_entity_poly.pdbx_seq_one_letter_code
;ALPTIHVVTPTYSRPVQKAELTRMANTLLHVPNLHWLVVEDAPRRTPLTARLLRDTGLNYTHLHVETPRNYKLRGDARDP
RIPRGTMQRNLALRWLRETFPRNSSQPGVVYFADDDNTYSLELFEEMRSTRRVSVWPVAFVGGLRYEAPRVNGAGKVVRW
KTVFDPHRPFAIDMAGFAVNLRLILQRSQAYFKLRGVKGGYQESSLLRELVTLNDLEPKAANCTKILVWHTRTEKPVLVN
EGKKGFTDPSVEI
;
_entity_poly.pdbx_strand_id   A,B
#
# COMPACT_ATOMS: atom_id res chain seq x y z
N LEU A 2 -10.13 25.28 -5.91
CA LEU A 2 -9.24 24.12 -5.64
C LEU A 2 -9.11 23.32 -6.94
N PRO A 3 -7.97 23.44 -7.63
CA PRO A 3 -7.74 22.72 -8.89
C PRO A 3 -7.96 21.21 -8.78
N THR A 4 -8.57 20.63 -9.81
CA THR A 4 -8.82 19.20 -9.84
C THR A 4 -7.56 18.45 -10.23
N ILE A 5 -7.26 17.37 -9.50
CA ILE A 5 -6.09 16.56 -9.81
C ILE A 5 -6.57 15.32 -10.54
N HIS A 6 -6.16 15.21 -11.79
CA HIS A 6 -6.50 14.08 -12.64
C HIS A 6 -5.38 13.05 -12.51
N VAL A 7 -5.66 11.98 -11.75
CA VAL A 7 -4.69 10.93 -11.51
C VAL A 7 -4.87 9.82 -12.56
N VAL A 8 -3.86 9.63 -13.40
CA VAL A 8 -3.89 8.63 -14.46
C VAL A 8 -3.20 7.36 -13.98
N THR A 9 -3.99 6.31 -13.85
CA THR A 9 -3.48 5.06 -13.36
C THR A 9 -3.73 3.86 -14.26
N PRO A 10 -2.68 3.37 -14.90
CA PRO A 10 -2.82 2.20 -15.76
C PRO A 10 -2.85 1.01 -14.81
N THR A 11 -3.67 0.01 -15.12
CA THR A 11 -3.74 -1.16 -14.26
C THR A 11 -4.05 -2.37 -15.11
N TYR A 12 -3.68 -3.56 -14.62
CA TYR A 12 -3.93 -4.79 -15.34
C TYR A 12 -4.28 -5.94 -14.39
N SER A 13 -4.96 -6.93 -14.93
CA SER A 13 -5.37 -8.07 -14.13
C SER A 13 -4.22 -8.99 -13.74
N ARG A 14 -4.07 -9.18 -12.44
CA ARG A 14 -3.08 -10.09 -11.89
C ARG A 14 -3.46 -10.25 -10.42
N PRO A 15 -3.03 -11.34 -9.77
CA PRO A 15 -3.34 -11.63 -8.38
C PRO A 15 -3.42 -10.47 -7.41
N VAL A 16 -2.37 -9.65 -7.33
CA VAL A 16 -2.37 -8.53 -6.39
C VAL A 16 -3.10 -7.27 -6.84
N GLN A 17 -3.72 -7.29 -8.02
CA GLN A 17 -4.40 -6.08 -8.49
C GLN A 17 -5.42 -5.46 -7.53
N LYS A 18 -6.38 -6.26 -7.07
CA LYS A 18 -7.41 -5.72 -6.18
C LYS A 18 -6.79 -5.09 -4.94
N ALA A 19 -5.78 -5.76 -4.37
CA ALA A 19 -5.09 -5.25 -3.19
C ALA A 19 -4.44 -3.91 -3.51
N GLU A 20 -3.74 -3.83 -4.65
CA GLU A 20 -3.07 -2.59 -5.04
C GLU A 20 -4.07 -1.44 -5.19
N LEU A 21 -5.18 -1.69 -5.88
CA LEU A 21 -6.18 -0.66 -6.09
C LEU A 21 -6.88 -0.29 -4.78
N THR A 22 -7.02 -1.26 -3.88
CA THR A 22 -7.66 -1.01 -2.59
C THR A 22 -6.82 -0.08 -1.73
N ARG A 23 -5.53 -0.38 -1.54
CA ARG A 23 -4.73 0.50 -0.71
C ARG A 23 -4.45 1.85 -1.38
N MET A 24 -4.51 1.88 -2.71
CA MET A 24 -4.30 3.13 -3.41
C MET A 24 -5.56 3.97 -3.23
N ALA A 25 -6.73 3.33 -3.33
CA ALA A 25 -8.00 4.05 -3.14
C ALA A 25 -8.09 4.61 -1.72
N ASN A 26 -7.61 3.84 -0.74
CA ASN A 26 -7.62 4.27 0.65
C ASN A 26 -6.82 5.56 0.83
N THR A 27 -5.81 5.76 -0.01
CA THR A 27 -5.00 6.98 0.07
C THR A 27 -5.75 8.10 -0.66
N LEU A 28 -6.14 7.83 -1.90
CA LEU A 28 -6.87 8.80 -2.73
C LEU A 28 -8.16 9.31 -2.10
N LEU A 29 -8.85 8.48 -1.32
CA LEU A 29 -10.10 8.90 -0.68
C LEU A 29 -9.93 10.14 0.19
N HIS A 30 -8.72 10.38 0.68
CA HIS A 30 -8.43 11.55 1.52
C HIS A 30 -8.24 12.84 0.75
N VAL A 31 -7.98 12.72 -0.55
CA VAL A 31 -7.71 13.88 -1.40
C VAL A 31 -8.94 14.53 -2.03
N PRO A 32 -9.22 15.79 -1.67
CA PRO A 32 -10.38 16.49 -2.24
C PRO A 32 -10.15 16.87 -3.69
N ASN A 33 -11.26 17.02 -4.43
CA ASN A 33 -11.18 17.40 -5.83
C ASN A 33 -10.16 16.56 -6.59
N LEU A 34 -10.37 15.25 -6.52
CA LEU A 34 -9.50 14.29 -7.19
C LEU A 34 -10.31 13.47 -8.18
N HIS A 35 -9.82 13.40 -9.41
CA HIS A 35 -10.49 12.64 -10.46
C HIS A 35 -9.57 11.47 -10.82
N TRP A 36 -10.00 10.25 -10.50
CA TRP A 36 -9.18 9.07 -10.78
C TRP A 36 -9.48 8.48 -12.15
N LEU A 37 -8.50 8.60 -13.04
CA LEU A 37 -8.60 8.10 -14.40
C LEU A 37 -7.91 6.73 -14.44
N VAL A 38 -8.70 5.69 -14.22
CA VAL A 38 -8.19 4.34 -14.22
C VAL A 38 -8.32 3.74 -15.60
N VAL A 39 -7.19 3.35 -16.17
CA VAL A 39 -7.17 2.79 -17.51
C VAL A 39 -6.71 1.34 -17.48
N GLU A 40 -7.65 0.42 -17.65
CA GLU A 40 -7.31 -0.99 -17.65
C GLU A 40 -6.66 -1.46 -18.94
N ASP A 41 -5.62 -2.27 -18.77
CA ASP A 41 -4.90 -2.86 -19.89
C ASP A 41 -5.67 -4.16 -20.15
N ALA A 42 -6.80 -4.03 -20.83
CA ALA A 42 -7.65 -5.17 -21.13
C ALA A 42 -8.60 -4.83 -22.30
N PRO A 43 -9.16 -5.85 -22.96
CA PRO A 43 -10.08 -5.64 -24.09
C PRO A 43 -11.41 -5.00 -23.70
N ARG A 44 -11.75 -5.10 -22.42
CA ARG A 44 -13.00 -4.52 -21.91
C ARG A 44 -12.90 -4.27 -20.40
N ARG A 45 -13.77 -3.40 -19.90
CA ARG A 45 -13.77 -3.08 -18.48
C ARG A 45 -14.08 -4.35 -17.69
N THR A 46 -13.24 -4.67 -16.71
CA THR A 46 -13.45 -5.87 -15.90
C THR A 46 -14.40 -5.59 -14.74
N PRO A 47 -15.23 -6.58 -14.38
CA PRO A 47 -16.19 -6.42 -13.29
C PRO A 47 -15.50 -6.08 -11.97
N LEU A 48 -14.32 -6.66 -11.74
CA LEU A 48 -13.57 -6.40 -10.52
C LEU A 48 -13.27 -4.91 -10.36
N THR A 49 -12.67 -4.33 -11.39
CA THR A 49 -12.32 -2.92 -11.34
C THR A 49 -13.53 -2.00 -11.32
N ALA A 50 -14.54 -2.34 -12.13
CA ALA A 50 -15.75 -1.55 -12.19
C ALA A 50 -16.43 -1.52 -10.82
N ARG A 51 -16.53 -2.68 -10.19
CA ARG A 51 -17.16 -2.77 -8.87
C ARG A 51 -16.38 -2.00 -7.82
N LEU A 52 -15.06 -2.16 -7.81
CA LEU A 52 -14.22 -1.48 -6.84
C LEU A 52 -14.30 0.04 -6.95
N LEU A 53 -14.22 0.56 -8.17
CA LEU A 53 -14.29 2.00 -8.37
C LEU A 53 -15.64 2.55 -7.91
N ARG A 54 -16.71 1.81 -8.21
CA ARG A 54 -18.04 2.27 -7.81
C ARG A 54 -18.19 2.25 -6.29
N ASP A 55 -17.61 1.24 -5.64
CA ASP A 55 -17.72 1.13 -4.19
C ASP A 55 -16.85 2.10 -3.39
N THR A 56 -15.77 2.62 -3.99
CA THR A 56 -14.89 3.54 -3.29
C THR A 56 -15.57 4.86 -2.95
N GLY A 57 -16.43 5.34 -3.85
CA GLY A 57 -17.09 6.61 -3.62
C GLY A 57 -16.28 7.75 -4.19
N LEU A 58 -15.18 7.42 -4.87
CA LEU A 58 -14.31 8.43 -5.48
C LEU A 58 -14.86 8.87 -6.83
N ASN A 59 -14.46 10.07 -7.26
CA ASN A 59 -14.86 10.59 -8.56
C ASN A 59 -13.91 9.88 -9.53
N TYR A 60 -14.45 9.15 -10.48
CA TYR A 60 -13.61 8.41 -11.42
C TYR A 60 -14.16 8.29 -12.83
N THR A 61 -13.26 7.87 -13.73
CA THR A 61 -13.59 7.62 -15.13
C THR A 61 -12.87 6.31 -15.41
N HIS A 62 -13.64 5.28 -15.74
CA HIS A 62 -13.10 3.96 -16.01
C HIS A 62 -12.96 3.76 -17.53
N LEU A 63 -11.71 3.77 -18.00
CA LEU A 63 -11.41 3.60 -19.41
C LEU A 63 -10.63 2.30 -19.60
N HIS A 64 -10.40 1.92 -20.85
CA HIS A 64 -9.66 0.70 -21.09
C HIS A 64 -9.14 0.63 -22.52
N VAL A 65 -7.95 0.04 -22.66
CA VAL A 65 -7.33 -0.16 -23.96
C VAL A 65 -6.36 -1.30 -23.74
N GLU A 66 -6.45 -2.32 -24.59
CA GLU A 66 -5.58 -3.47 -24.44
C GLU A 66 -4.26 -3.27 -25.16
N THR A 67 -3.16 -3.53 -24.47
CA THR A 67 -1.85 -3.42 -25.08
C THR A 67 -1.75 -4.74 -25.84
N PRO A 68 -1.64 -4.67 -27.18
CA PRO A 68 -1.54 -5.86 -28.02
C PRO A 68 -0.65 -6.95 -27.43
N ARG A 69 -1.18 -8.16 -27.37
CA ARG A 69 -0.44 -9.30 -26.84
C ARG A 69 0.93 -9.33 -27.50
N ASN A 70 0.94 -9.05 -28.79
CA ASN A 70 2.16 -9.02 -29.59
C ASN A 70 3.22 -8.10 -29.01
N TYR A 71 2.80 -6.92 -28.57
CA TYR A 71 3.70 -5.92 -28.00
C TYR A 71 4.39 -6.36 -26.71
N LYS A 72 3.68 -7.13 -25.89
CA LYS A 72 4.24 -7.59 -24.64
C LYS A 72 5.20 -8.77 -24.81
N LEU A 73 5.22 -9.36 -26.00
CA LEU A 73 6.10 -10.50 -26.25
C LEU A 73 7.50 -10.06 -26.71
N ARG A 81 11.00 -2.85 -27.13
CA ARG A 81 10.98 -2.31 -25.77
C ARG A 81 9.85 -1.29 -25.63
N ILE A 82 8.75 -1.71 -25.00
CA ILE A 82 7.60 -0.82 -24.79
C ILE A 82 7.29 -0.72 -23.29
N PRO A 83 7.57 0.44 -22.68
CA PRO A 83 7.30 0.64 -21.25
C PRO A 83 5.89 0.21 -20.82
N ARG A 84 5.82 -0.36 -19.62
CA ARG A 84 4.55 -0.82 -19.08
C ARG A 84 3.56 0.33 -18.92
N GLY A 85 2.32 0.10 -19.32
CA GLY A 85 1.28 1.11 -19.20
C GLY A 85 1.32 2.29 -20.17
N THR A 86 2.22 2.25 -21.14
CA THR A 86 2.35 3.33 -22.12
C THR A 86 1.06 3.63 -22.86
N MET A 87 0.47 2.61 -23.48
CA MET A 87 -0.75 2.83 -24.21
C MET A 87 -1.88 3.31 -23.33
N GLN A 88 -1.91 2.85 -22.08
CA GLN A 88 -2.96 3.26 -21.16
C GLN A 88 -2.80 4.74 -20.79
N ARG A 89 -1.57 5.19 -20.55
CA ARG A 89 -1.35 6.61 -20.22
C ARG A 89 -1.73 7.48 -21.41
N ASN A 90 -1.35 7.05 -22.62
CA ASN A 90 -1.67 7.81 -23.82
C ASN A 90 -3.19 7.87 -24.06
N LEU A 91 -3.90 6.81 -23.71
CA LEU A 91 -5.36 6.81 -23.89
C LEU A 91 -5.97 7.87 -22.99
N ALA A 92 -5.43 8.00 -21.78
CA ALA A 92 -5.92 9.00 -20.82
C ALA A 92 -5.64 10.41 -21.32
N LEU A 93 -4.47 10.60 -21.92
CA LEU A 93 -4.10 11.90 -22.46
C LEU A 93 -5.08 12.27 -23.58
N ARG A 94 -5.38 11.30 -24.45
CA ARG A 94 -6.32 11.55 -25.53
C ARG A 94 -7.71 11.85 -25.00
N TRP A 95 -8.11 11.15 -23.95
CA TRP A 95 -9.43 11.33 -23.33
C TRP A 95 -9.54 12.75 -22.76
N LEU A 96 -8.48 13.22 -22.12
CA LEU A 96 -8.50 14.56 -21.55
C LEU A 96 -8.65 15.60 -22.66
N ARG A 97 -7.96 15.40 -23.78
CA ARG A 97 -8.02 16.33 -24.89
C ARG A 97 -9.34 16.28 -25.64
N GLU A 98 -10.04 15.15 -25.56
CA GLU A 98 -11.32 15.03 -26.24
C GLU A 98 -12.48 15.42 -25.32
N THR A 99 -12.19 15.55 -24.03
CA THR A 99 -13.22 15.91 -23.04
C THR A 99 -13.18 17.38 -22.65
N PHE A 100 -11.98 17.93 -22.55
CA PHE A 100 -11.80 19.31 -22.17
C PHE A 100 -11.40 20.18 -23.35
N PRO A 101 -12.16 21.26 -23.60
CA PRO A 101 -11.83 22.15 -24.72
C PRO A 101 -10.48 22.82 -24.50
N ARG A 102 -9.72 22.98 -25.58
CA ARG A 102 -8.40 23.60 -25.49
C ARG A 102 -8.44 24.93 -24.74
N ASN A 103 -9.57 25.63 -24.82
CA ASN A 103 -9.71 26.92 -24.14
C ASN A 103 -11.00 26.94 -23.30
N SER A 104 -10.85 27.08 -21.98
CA SER A 104 -12.00 27.12 -21.08
C SER A 104 -11.58 27.61 -19.70
N SER A 105 -10.27 27.74 -19.51
CA SER A 105 -9.73 28.19 -18.24
C SER A 105 -10.19 27.31 -17.09
N GLN A 106 -10.09 25.99 -17.30
CA GLN A 106 -10.51 25.03 -16.28
C GLN A 106 -9.29 24.55 -15.47
N PRO A 107 -9.17 25.03 -14.22
CA PRO A 107 -8.05 24.65 -13.36
C PRO A 107 -7.92 23.14 -13.16
N GLY A 108 -6.78 22.58 -13.55
CA GLY A 108 -6.56 21.16 -13.40
C GLY A 108 -5.10 20.77 -13.51
N VAL A 109 -4.76 19.60 -13.02
CA VAL A 109 -3.40 19.08 -13.06
C VAL A 109 -3.46 17.59 -13.39
N VAL A 110 -2.48 17.10 -14.13
CA VAL A 110 -2.43 15.69 -14.52
C VAL A 110 -1.21 15.00 -13.89
N TYR A 111 -1.46 13.86 -13.26
CA TYR A 111 -0.41 13.09 -12.60
C TYR A 111 -0.52 11.62 -12.99
N PHE A 112 0.58 11.06 -13.48
CA PHE A 112 0.61 9.64 -13.87
C PHE A 112 1.09 8.83 -12.69
N ALA A 113 0.14 8.19 -12.03
CA ALA A 113 0.42 7.41 -10.83
C ALA A 113 0.17 5.91 -11.00
N ASP A 114 1.26 5.15 -11.04
CA ASP A 114 1.17 3.70 -11.18
C ASP A 114 0.49 3.09 -9.95
N ASP A 115 -0.18 1.95 -10.15
CA ASP A 115 -0.92 1.33 -9.07
C ASP A 115 -0.16 0.62 -7.93
N ASP A 116 1.16 0.56 -8.01
CA ASP A 116 1.94 -0.09 -6.95
C ASP A 116 2.82 0.87 -6.13
N ASN A 117 2.94 2.12 -6.56
CA ASN A 117 3.73 3.11 -5.82
C ASN A 117 3.00 3.48 -4.54
N THR A 118 3.73 4.14 -3.64
CA THR A 118 3.19 4.60 -2.35
C THR A 118 3.17 6.13 -2.40
N TYR A 119 2.02 6.72 -2.13
CA TYR A 119 1.88 8.17 -2.19
C TYR A 119 1.47 8.78 -0.85
N SER A 120 2.09 9.90 -0.48
CA SER A 120 1.72 10.57 0.75
C SER A 120 0.63 11.56 0.39
N LEU A 121 -0.15 11.97 1.39
CA LEU A 121 -1.21 12.93 1.12
C LEU A 121 -0.59 14.28 0.78
N GLU A 122 0.53 14.62 1.41
CA GLU A 122 1.19 15.92 1.16
C GLU A 122 1.58 16.09 -0.31
N LEU A 123 1.90 14.98 -0.97
CA LEU A 123 2.29 15.01 -2.37
C LEU A 123 1.23 15.69 -3.25
N PHE A 124 -0.04 15.33 -3.05
CA PHE A 124 -1.10 15.91 -3.87
C PHE A 124 -1.27 17.41 -3.68
N GLU A 125 -1.06 17.91 -2.47
CA GLU A 125 -1.19 19.34 -2.26
C GLU A 125 -0.02 20.08 -2.90
N GLU A 126 1.15 19.43 -2.95
CA GLU A 126 2.31 20.05 -3.57
C GLU A 126 2.10 20.22 -5.08
N MET A 127 1.52 19.21 -5.72
CA MET A 127 1.30 19.28 -7.17
C MET A 127 0.05 20.02 -7.60
N ARG A 128 -0.92 20.16 -6.71
CA ARG A 128 -2.17 20.81 -7.07
C ARG A 128 -2.04 22.23 -7.64
N SER A 129 -1.04 22.98 -7.19
CA SER A 129 -0.84 24.36 -7.65
C SER A 129 0.04 24.51 -8.90
N THR A 130 0.38 23.39 -9.52
CA THR A 130 1.23 23.38 -10.73
C THR A 130 0.73 24.31 -11.84
N ARG A 131 1.61 25.19 -12.32
CA ARG A 131 1.24 26.12 -13.39
C ARG A 131 1.70 25.61 -14.75
N ARG A 132 2.80 24.86 -14.77
CA ARG A 132 3.34 24.32 -15.99
C ARG A 132 3.64 22.85 -15.72
N VAL A 133 4.83 22.59 -15.16
CA VAL A 133 5.23 21.24 -14.81
C VAL A 133 6.00 21.30 -13.49
N SER A 134 5.57 20.50 -12.53
CA SER A 134 6.22 20.46 -11.23
C SER A 134 7.03 19.18 -11.08
N VAL A 135 8.10 19.24 -10.30
CA VAL A 135 8.96 18.07 -10.09
C VAL A 135 9.35 17.91 -8.62
N TRP A 136 9.66 16.68 -8.22
CA TRP A 136 10.03 16.42 -6.85
C TRP A 136 10.81 15.11 -6.73
N PRO A 137 11.46 14.88 -5.59
CA PRO A 137 12.23 13.66 -5.36
C PRO A 137 11.35 12.43 -5.34
N VAL A 138 11.90 11.29 -5.76
CA VAL A 138 11.17 10.03 -5.78
C VAL A 138 12.09 8.94 -5.23
N ALA A 139 11.62 8.22 -4.21
CA ALA A 139 12.43 7.17 -3.62
C ALA A 139 12.39 5.89 -4.46
N PHE A 140 13.46 5.11 -4.35
CA PHE A 140 13.60 3.82 -5.03
C PHE A 140 13.56 3.78 -6.55
N VAL A 141 14.21 4.75 -7.18
CA VAL A 141 14.28 4.78 -8.64
C VAL A 141 15.72 5.00 -9.04
N GLY A 142 16.05 4.62 -10.27
CA GLY A 142 17.41 4.79 -10.77
C GLY A 142 18.48 4.14 -9.91
N GLY A 143 18.15 3.00 -9.32
CA GLY A 143 19.10 2.28 -8.47
C GLY A 143 19.58 3.04 -7.25
N LEU A 144 18.80 4.03 -6.82
CA LEU A 144 19.17 4.83 -5.66
C LEU A 144 18.11 4.87 -4.56
N ARG A 145 18.49 5.38 -3.40
CA ARG A 145 17.54 5.51 -2.30
C ARG A 145 16.46 6.45 -2.83
N TYR A 146 16.88 7.40 -3.66
CA TYR A 146 15.97 8.35 -4.28
C TYR A 146 16.68 9.21 -5.30
N GLU A 147 15.91 9.77 -6.22
CA GLU A 147 16.46 10.67 -7.23
C GLU A 147 15.82 12.02 -6.92
N ALA A 148 16.59 13.09 -7.07
CA ALA A 148 16.07 14.42 -6.79
C ALA A 148 16.53 15.48 -7.80
N PRO A 149 15.60 16.35 -8.24
CA PRO A 149 15.99 17.40 -9.18
C PRO A 149 16.96 18.33 -8.45
N ARG A 150 17.87 18.97 -9.18
CA ARG A 150 18.83 19.89 -8.57
C ARG A 150 18.36 21.32 -8.88
N VAL A 151 18.22 22.14 -7.84
CA VAL A 151 17.74 23.52 -7.98
C VAL A 151 18.81 24.55 -7.63
N ASN A 152 18.83 25.68 -8.34
CA ASN A 152 19.81 26.73 -8.03
C ASN A 152 19.19 27.78 -7.11
N GLY A 153 20.00 28.75 -6.71
CA GLY A 153 19.54 29.80 -5.81
C GLY A 153 18.40 30.62 -6.36
N ALA A 154 18.27 30.64 -7.68
CA ALA A 154 17.19 31.41 -8.31
C ALA A 154 15.87 30.63 -8.24
N GLY A 155 15.93 29.40 -7.74
CA GLY A 155 14.73 28.58 -7.62
C GLY A 155 14.39 27.78 -8.87
N LYS A 156 15.34 27.69 -9.79
CA LYS A 156 15.14 26.96 -11.04
C LYS A 156 15.85 25.61 -11.04
N VAL A 157 15.24 24.62 -11.69
CA VAL A 157 15.87 23.31 -11.79
C VAL A 157 17.02 23.48 -12.79
N VAL A 158 18.23 23.10 -12.40
CA VAL A 158 19.38 23.22 -13.29
C VAL A 158 20.02 21.90 -13.65
N ARG A 159 19.45 20.83 -13.10
CA ARG A 159 19.94 19.48 -13.38
C ARG A 159 19.24 18.44 -12.51
N TRP A 160 19.84 17.25 -12.45
CA TRP A 160 19.23 16.15 -11.70
C TRP A 160 20.26 15.34 -10.93
N LYS A 161 19.94 15.05 -9.67
CA LYS A 161 20.85 14.27 -8.83
C LYS A 161 20.52 12.79 -9.02
N THR A 162 21.16 12.17 -10.01
CA THR A 162 20.93 10.76 -10.29
C THR A 162 22.25 10.14 -10.75
N VAL A 163 22.26 8.80 -10.86
CA VAL A 163 23.44 8.08 -11.30
C VAL A 163 23.16 7.54 -12.70
N PHE A 164 21.91 7.14 -12.93
CA PHE A 164 21.53 6.67 -14.26
C PHE A 164 21.26 7.91 -15.10
N ASP A 165 21.96 8.01 -16.22
CA ASP A 165 21.88 9.12 -17.17
C ASP A 165 21.38 10.45 -16.60
N PRO A 166 22.18 11.08 -15.71
CA PRO A 166 21.78 12.36 -15.12
C PRO A 166 21.76 13.52 -16.10
N HIS A 167 22.24 13.28 -17.32
CA HIS A 167 22.30 14.34 -18.31
C HIS A 167 21.21 14.27 -19.38
N ARG A 168 20.24 13.38 -19.17
CA ARG A 168 19.11 13.27 -20.10
C ARG A 168 18.26 14.53 -19.92
N PRO A 169 17.40 14.85 -20.90
CA PRO A 169 16.54 16.04 -20.82
C PRO A 169 15.86 16.18 -19.46
N PHE A 170 15.17 15.13 -19.03
CA PHE A 170 14.50 15.14 -17.74
C PHE A 170 14.78 13.81 -17.05
N ALA A 171 15.79 13.80 -16.18
CA ALA A 171 16.18 12.60 -15.46
C ALA A 171 15.27 12.45 -14.25
N ILE A 172 14.06 11.99 -14.51
CA ILE A 172 13.07 11.83 -13.46
C ILE A 172 12.07 10.74 -13.79
N ASP A 173 11.56 10.09 -12.76
CA ASP A 173 10.60 9.03 -12.93
C ASP A 173 9.17 9.56 -13.11
N MET A 174 8.33 8.71 -13.68
CA MET A 174 6.94 9.00 -13.94
C MET A 174 6.22 9.59 -12.73
N ALA A 175 6.55 9.07 -11.56
CA ALA A 175 5.92 9.52 -10.33
C ALA A 175 6.49 10.80 -9.73
N GLY A 176 7.47 11.38 -10.40
CA GLY A 176 8.11 12.59 -9.89
C GLY A 176 7.67 13.92 -10.48
N PHE A 177 6.66 13.92 -11.34
CA PHE A 177 6.21 15.18 -11.93
C PHE A 177 4.71 15.20 -12.17
N ALA A 178 4.18 16.41 -12.36
CA ALA A 178 2.77 16.59 -12.65
C ALA A 178 2.71 17.71 -13.68
N VAL A 179 1.68 17.68 -14.52
CA VAL A 179 1.54 18.67 -15.58
C VAL A 179 0.23 19.45 -15.50
N ASN A 180 0.31 20.77 -15.66
CA ASN A 180 -0.88 21.61 -15.63
C ASN A 180 -1.77 21.12 -16.79
N LEU A 181 -3.07 20.89 -16.52
CA LEU A 181 -3.98 20.40 -17.56
C LEU A 181 -3.99 21.26 -18.82
N ARG A 182 -4.04 22.58 -18.62
CA ARG A 182 -4.06 23.51 -19.73
C ARG A 182 -2.90 23.27 -20.69
N LEU A 183 -1.73 22.95 -20.14
CA LEU A 183 -0.55 22.69 -20.96
C LEU A 183 -0.75 21.41 -21.78
N ILE A 184 -1.35 20.40 -21.16
CA ILE A 184 -1.63 19.14 -21.82
C ILE A 184 -2.56 19.40 -23.01
N LEU A 185 -3.58 20.23 -22.78
CA LEU A 185 -4.56 20.55 -23.82
C LEU A 185 -3.94 21.40 -24.94
N GLN A 186 -3.04 22.30 -24.60
CA GLN A 186 -2.39 23.15 -25.59
C GLN A 186 -1.46 22.34 -26.49
N ARG A 187 -0.63 21.50 -25.89
CA ARG A 187 0.29 20.66 -26.65
C ARG A 187 -0.44 19.35 -26.94
N SER A 188 -1.43 19.45 -27.83
CA SER A 188 -2.27 18.31 -28.19
C SER A 188 -1.59 17.13 -28.87
N GLN A 189 -0.37 17.33 -29.36
CA GLN A 189 0.36 16.28 -30.06
C GLN A 189 1.37 15.55 -29.17
N ALA A 190 1.48 15.98 -27.93
CA ALA A 190 2.41 15.38 -26.99
C ALA A 190 1.91 14.10 -26.34
N TYR A 191 2.55 12.98 -26.68
CA TYR A 191 2.19 11.68 -26.13
C TYR A 191 3.48 10.95 -25.77
N PHE A 192 3.39 9.94 -24.91
CA PHE A 192 4.56 9.16 -24.55
C PHE A 192 4.95 8.37 -25.79
N LYS A 193 6.25 8.30 -26.07
CA LYS A 193 6.75 7.57 -27.23
C LYS A 193 6.64 6.06 -27.02
N LEU A 194 6.30 5.35 -28.09
CA LEU A 194 6.15 3.90 -28.04
C LEU A 194 7.47 3.23 -28.43
N ARG A 195 8.12 3.74 -29.47
CA ARG A 195 9.40 3.19 -29.92
C ARG A 195 10.29 4.28 -30.50
N GLY A 196 11.60 4.18 -30.23
CA GLY A 196 12.53 5.17 -30.73
C GLY A 196 13.40 5.79 -29.65
N VAL A 197 12.92 5.72 -28.41
CA VAL A 197 13.67 6.28 -27.29
C VAL A 197 14.42 5.22 -26.49
N LYS A 198 15.60 5.59 -26.01
CA LYS A 198 16.44 4.68 -25.24
C LYS A 198 15.69 4.28 -23.98
N GLY A 199 16.15 3.21 -23.33
CA GLY A 199 15.51 2.78 -22.11
C GLY A 199 15.65 3.87 -21.06
N GLY A 200 14.54 4.21 -20.40
CA GLY A 200 14.57 5.23 -19.38
C GLY A 200 14.43 6.66 -19.87
N TYR A 201 14.02 6.83 -21.11
CA TYR A 201 13.86 8.16 -21.70
C TYR A 201 12.42 8.52 -22.04
N GLN A 202 11.47 7.66 -21.68
CA GLN A 202 10.08 7.93 -22.00
C GLN A 202 9.53 9.19 -21.31
N GLU A 203 9.90 9.42 -20.06
CA GLU A 203 9.44 10.60 -19.36
C GLU A 203 9.98 11.84 -20.10
N SER A 204 11.24 11.79 -20.54
CA SER A 204 11.83 12.90 -21.28
C SER A 204 11.15 13.14 -22.62
N SER A 205 10.76 12.05 -23.29
CA SER A 205 10.10 12.14 -24.60
C SER A 205 8.84 13.00 -24.56
N LEU A 206 8.12 12.91 -23.45
CA LEU A 206 6.91 13.68 -23.30
C LEU A 206 7.21 15.09 -22.78
N LEU A 207 7.97 15.18 -21.70
CA LEU A 207 8.29 16.47 -21.11
C LEU A 207 8.98 17.45 -22.05
N ARG A 208 9.86 16.95 -22.91
CA ARG A 208 10.57 17.81 -23.85
C ARG A 208 9.62 18.53 -24.80
N GLU A 209 8.43 17.96 -25.00
CA GLU A 209 7.47 18.58 -25.89
C GLU A 209 6.52 19.49 -25.11
N LEU A 210 6.62 19.44 -23.79
CA LEU A 210 5.77 20.24 -22.92
C LEU A 210 6.44 21.46 -22.30
N VAL A 211 7.70 21.33 -21.90
CA VAL A 211 8.34 22.45 -21.24
C VAL A 211 9.86 22.42 -21.28
N THR A 212 10.48 23.50 -20.81
CA THR A 212 11.92 23.58 -20.77
C THR A 212 12.34 23.43 -19.31
N LEU A 213 13.61 23.18 -19.10
CA LEU A 213 14.15 23.00 -17.75
C LEU A 213 13.83 24.23 -16.90
N ASN A 214 13.96 25.41 -17.50
CA ASN A 214 13.74 26.68 -16.81
C ASN A 214 12.30 26.93 -16.37
N ASP A 215 11.34 26.20 -16.95
CA ASP A 215 9.97 26.41 -16.55
C ASP A 215 9.47 25.40 -15.52
N LEU A 216 10.35 24.50 -15.09
CA LEU A 216 9.98 23.50 -14.09
C LEU A 216 9.77 24.17 -12.73
N GLU A 217 8.84 23.63 -11.95
CA GLU A 217 8.52 24.15 -10.64
C GLU A 217 8.92 23.13 -9.57
N PRO A 218 10.01 23.40 -8.82
CA PRO A 218 10.45 22.47 -7.77
C PRO A 218 9.53 22.42 -6.55
N LYS A 219 9.11 21.22 -6.17
CA LYS A 219 8.23 21.04 -5.02
C LYS A 219 8.93 20.22 -3.93
N ALA A 220 8.18 19.89 -2.89
CA ALA A 220 8.69 19.10 -1.78
C ALA A 220 9.87 19.78 -1.10
N ALA A 221 9.60 20.99 -0.59
CA ALA A 221 10.59 21.80 0.10
C ALA A 221 11.84 22.01 -0.75
N ASN A 222 11.63 22.45 -1.99
CA ASN A 222 12.71 22.71 -2.93
C ASN A 222 13.52 21.45 -3.23
N CYS A 223 12.80 20.35 -3.36
CA CYS A 223 13.36 19.03 -3.66
C CYS A 223 14.32 18.50 -2.61
N THR A 224 13.93 18.63 -1.34
CA THR A 224 14.75 18.13 -0.24
C THR A 224 13.99 17.06 0.54
N LYS A 225 12.73 16.81 0.20
CA LYS A 225 11.92 15.82 0.91
C LYS A 225 11.36 14.75 -0.03
N ILE A 226 11.19 13.54 0.51
CA ILE A 226 10.65 12.40 -0.24
C ILE A 226 9.18 12.25 0.16
N LEU A 227 8.29 12.46 -0.81
CA LEU A 227 6.85 12.38 -0.60
C LEU A 227 6.16 11.27 -1.41
N VAL A 228 6.95 10.53 -2.18
CA VAL A 228 6.42 9.44 -3.00
C VAL A 228 7.49 8.36 -3.11
N TRP A 229 7.07 7.10 -3.03
CA TRP A 229 8.00 5.98 -3.08
C TRP A 229 7.69 4.99 -4.20
N HIS A 230 8.70 4.64 -4.98
CA HIS A 230 8.52 3.70 -6.08
C HIS A 230 8.58 2.26 -5.57
N THR A 231 7.67 1.92 -4.66
CA THR A 231 7.59 0.58 -4.08
C THR A 231 7.10 -0.43 -5.13
N ARG A 232 7.50 -1.69 -4.96
CA ARG A 232 7.09 -2.75 -5.87
C ARG A 232 6.56 -3.92 -5.04
N THR A 233 5.54 -4.60 -5.55
CA THR A 233 4.93 -5.71 -4.82
C THR A 233 5.40 -7.08 -5.29
N GLU A 234 5.76 -7.95 -4.34
CA GLU A 234 6.20 -9.29 -4.68
C GLU A 234 5.08 -10.13 -5.25
N LYS A 235 5.46 -11.09 -6.08
CA LYS A 235 4.52 -12.00 -6.69
C LYS A 235 4.12 -13.01 -5.61
N PRO A 236 2.80 -13.22 -5.41
CA PRO A 236 2.33 -14.17 -4.40
C PRO A 236 2.68 -15.61 -4.81
N VAL A 237 2.99 -16.45 -3.82
CA VAL A 237 3.33 -17.85 -4.09
C VAL A 237 2.05 -18.67 -4.10
N LEU A 238 1.70 -19.22 -5.26
CA LEU A 238 0.49 -20.02 -5.38
C LEU A 238 0.78 -21.49 -5.70
N VAL A 239 1.94 -21.96 -5.27
CA VAL A 239 2.35 -23.34 -5.52
C VAL A 239 1.40 -24.40 -5.00
N ASN A 240 0.74 -24.14 -3.88
CA ASN A 240 -0.18 -25.13 -3.31
C ASN A 240 -1.52 -25.21 -4.02
N GLU A 241 -1.71 -24.38 -5.04
CA GLU A 241 -2.97 -24.41 -5.79
C GLU A 241 -2.96 -25.64 -6.71
N GLY A 242 -1.77 -26.11 -7.05
CA GLY A 242 -1.66 -27.27 -7.92
C GLY A 242 -1.99 -26.95 -9.37
N LYS A 243 -2.12 -27.99 -10.19
CA LYS A 243 -2.43 -27.80 -11.60
C LYS A 243 -3.92 -27.60 -11.83
N LYS A 244 -4.73 -28.40 -11.14
CA LYS A 244 -6.18 -28.32 -11.26
C LYS A 244 -6.77 -27.19 -10.41
N GLY A 245 -5.98 -26.71 -9.46
CA GLY A 245 -6.45 -25.64 -8.58
C GLY A 245 -7.02 -26.18 -7.28
N PHE A 246 -6.96 -25.36 -6.23
CA PHE A 246 -7.48 -25.74 -4.93
C PHE A 246 -8.60 -24.81 -4.50
N THR A 247 -8.34 -23.51 -4.52
CA THR A 247 -9.35 -22.54 -4.13
C THR A 247 -10.38 -22.33 -5.23
N ASP A 248 -11.49 -21.69 -4.87
CA ASP A 248 -12.57 -21.43 -5.80
C ASP A 248 -12.19 -20.25 -6.71
N PRO A 249 -12.13 -20.49 -8.03
CA PRO A 249 -11.78 -19.46 -9.01
C PRO A 249 -12.83 -18.36 -9.13
N SER A 250 -14.02 -18.64 -8.61
CA SER A 250 -15.11 -17.67 -8.67
C SER A 250 -14.99 -16.64 -7.55
N VAL A 251 -14.21 -16.97 -6.53
CA VAL A 251 -14.02 -16.06 -5.40
C VAL A 251 -13.02 -14.98 -5.80
N GLU A 252 -13.48 -13.74 -5.80
CA GLU A 252 -12.65 -12.60 -6.19
C GLU A 252 -11.61 -12.21 -5.15
N ILE A 253 -10.36 -12.11 -5.57
CA ILE A 253 -9.29 -11.70 -4.67
C ILE A 253 -8.54 -10.51 -5.27
N ALA B 1 -19.70 3.97 22.95
CA ALA B 1 -20.11 2.54 22.93
C ALA B 1 -19.35 1.78 21.83
N LEU B 2 -18.92 2.50 20.80
CA LEU B 2 -18.19 1.89 19.70
C LEU B 2 -16.87 1.32 20.21
N PRO B 3 -16.72 -0.02 20.14
CA PRO B 3 -15.48 -0.68 20.62
C PRO B 3 -14.20 -0.12 20.01
N THR B 4 -13.14 -0.04 20.80
CA THR B 4 -11.88 0.45 20.27
C THR B 4 -11.12 -0.72 19.66
N ILE B 5 -10.55 -0.50 18.47
CA ILE B 5 -9.76 -1.55 17.82
C ILE B 5 -8.30 -1.20 18.04
N HIS B 6 -7.61 -2.08 18.76
CA HIS B 6 -6.20 -1.93 19.07
C HIS B 6 -5.46 -2.73 17.98
N VAL B 7 -4.80 -2.01 17.08
CA VAL B 7 -4.04 -2.60 15.98
C VAL B 7 -2.59 -2.74 16.44
N VAL B 8 -2.11 -3.98 16.54
CA VAL B 8 -0.74 -4.25 16.97
C VAL B 8 0.12 -4.44 15.75
N THR B 9 1.05 -3.53 15.55
CA THR B 9 1.89 -3.57 14.37
C THR B 9 3.39 -3.57 14.65
N PRO B 10 4.03 -4.73 14.48
CA PRO B 10 5.47 -4.81 14.70
C PRO B 10 6.07 -4.13 13.47
N THR B 11 7.20 -3.47 13.62
CA THR B 11 7.82 -2.81 12.47
C THR B 11 9.31 -2.74 12.73
N TYR B 12 10.09 -2.59 11.68
CA TYR B 12 11.54 -2.52 11.81
C TYR B 12 12.13 -1.61 10.74
N SER B 13 13.33 -1.12 11.00
CA SER B 13 14.00 -0.21 10.08
C SER B 13 14.59 -0.88 8.85
N ARG B 14 14.11 -0.47 7.68
CA ARG B 14 14.60 -0.95 6.40
C ARG B 14 14.09 0.05 5.37
N PRO B 15 14.76 0.15 4.21
CA PRO B 15 14.36 1.09 3.16
C PRO B 15 12.87 1.41 3.00
N VAL B 16 12.06 0.38 2.76
CA VAL B 16 10.63 0.60 2.55
C VAL B 16 9.77 0.86 3.79
N GLN B 17 10.37 0.93 4.98
CA GLN B 17 9.57 1.15 6.19
C GLN B 17 8.66 2.37 6.19
N LYS B 18 9.18 3.54 5.85
CA LYS B 18 8.36 4.74 5.86
C LYS B 18 7.19 4.64 4.86
N ALA B 19 7.46 4.08 3.69
CA ALA B 19 6.42 3.90 2.68
C ALA B 19 5.33 2.97 3.23
N GLU B 20 5.74 1.86 3.84
CA GLU B 20 4.79 0.90 4.42
C GLU B 20 3.93 1.55 5.50
N LEU B 21 4.57 2.25 6.44
CA LEU B 21 3.83 2.89 7.52
C LEU B 21 2.93 4.01 6.97
N THR B 22 3.35 4.64 5.89
CA THR B 22 2.58 5.71 5.28
C THR B 22 1.26 5.22 4.65
N ARG B 23 1.33 4.19 3.81
CA ARG B 23 0.09 3.71 3.22
C ARG B 23 -0.78 2.99 4.25
N MET B 24 -0.16 2.45 5.28
CA MET B 24 -0.94 1.78 6.32
C MET B 24 -1.67 2.86 7.12
N ALA B 25 -0.97 3.95 7.46
CA ALA B 25 -1.59 5.04 8.20
C ALA B 25 -2.71 5.66 7.36
N ASN B 26 -2.50 5.75 6.05
CA ASN B 26 -3.53 6.31 5.18
C ASN B 26 -4.79 5.46 5.25
N THR B 27 -4.62 4.16 5.51
CA THR B 27 -5.77 3.28 5.63
C THR B 27 -6.43 3.49 7.00
N LEU B 28 -5.62 3.42 8.05
CA LEU B 28 -6.09 3.58 9.43
C LEU B 28 -6.76 4.91 9.75
N LEU B 29 -6.39 5.97 9.02
CA LEU B 29 -6.98 7.28 9.26
C LEU B 29 -8.49 7.28 8.98
N HIS B 30 -8.96 6.28 8.24
CA HIS B 30 -10.37 6.17 7.90
C HIS B 30 -11.18 5.48 8.99
N VAL B 31 -10.49 4.78 9.89
CA VAL B 31 -11.16 4.01 10.93
C VAL B 31 -11.38 4.74 12.26
N PRO B 32 -12.64 4.90 12.68
CA PRO B 32 -12.91 5.58 13.95
C PRO B 32 -12.56 4.68 15.14
N ASN B 33 -12.33 5.30 16.30
CA ASN B 33 -11.98 4.58 17.52
C ASN B 33 -10.91 3.53 17.25
N LEU B 34 -9.77 3.99 16.76
CA LEU B 34 -8.67 3.11 16.44
C LEU B 34 -7.44 3.49 17.25
N HIS B 35 -6.83 2.51 17.91
CA HIS B 35 -5.63 2.74 18.70
C HIS B 35 -4.51 1.96 18.02
N TRP B 36 -3.52 2.68 17.50
CA TRP B 36 -2.42 2.02 16.79
C TRP B 36 -1.25 1.75 17.72
N LEU B 37 -1.03 0.47 18.00
CA LEU B 37 0.06 0.04 18.86
C LEU B 37 1.23 -0.36 17.96
N VAL B 38 2.17 0.56 17.78
CA VAL B 38 3.32 0.30 16.94
C VAL B 38 4.51 -0.09 17.81
N VAL B 39 5.05 -1.27 17.55
CA VAL B 39 6.19 -1.78 18.32
C VAL B 39 7.40 -1.96 17.41
N GLU B 40 8.39 -1.11 17.56
CA GLU B 40 9.59 -1.19 16.74
C GLU B 40 10.58 -2.25 17.19
N ASP B 41 11.15 -2.95 16.22
CA ASP B 41 12.16 -3.95 16.51
C ASP B 41 13.47 -3.18 16.52
N ALA B 42 13.71 -2.47 17.62
CA ALA B 42 14.91 -1.65 17.78
C ALA B 42 15.20 -1.43 19.26
N PRO B 43 16.46 -1.10 19.60
CA PRO B 43 16.87 -0.86 20.99
C PRO B 43 16.23 0.39 21.59
N ARG B 44 15.65 1.21 20.72
CA ARG B 44 14.99 2.43 21.18
C ARG B 44 14.08 2.96 20.08
N ARG B 45 13.12 3.79 20.46
CA ARG B 45 12.20 4.37 19.48
C ARG B 45 13.01 5.21 18.49
N THR B 46 12.72 5.05 17.20
CA THR B 46 13.43 5.83 16.19
C THR B 46 12.68 7.12 15.87
N PRO B 47 13.42 8.18 15.53
CA PRO B 47 12.77 9.46 15.22
C PRO B 47 11.90 9.39 13.96
N LEU B 48 12.24 8.49 13.04
CA LEU B 48 11.46 8.34 11.82
C LEU B 48 10.04 7.93 12.17
N THR B 49 9.92 6.87 12.97
CA THR B 49 8.63 6.35 13.36
C THR B 49 7.90 7.29 14.31
N ALA B 50 8.66 7.93 15.21
CA ALA B 50 8.08 8.86 16.15
C ALA B 50 7.46 10.05 15.42
N ARG B 51 8.19 10.63 14.47
CA ARG B 51 7.66 11.78 13.75
C ARG B 51 6.48 11.41 12.85
N LEU B 52 6.57 10.27 12.19
CA LEU B 52 5.47 9.86 11.33
C LEU B 52 4.18 9.69 12.15
N LEU B 53 4.25 8.97 13.26
CA LEU B 53 3.06 8.76 14.09
C LEU B 53 2.52 10.10 14.59
N ARG B 54 3.42 10.96 15.06
CA ARG B 54 3.05 12.28 15.56
C ARG B 54 2.30 13.08 14.50
N ASP B 55 2.84 13.10 13.29
CA ASP B 55 2.22 13.88 12.22
C ASP B 55 0.88 13.39 11.67
N THR B 56 0.54 12.12 11.91
CA THR B 56 -0.74 11.61 11.41
C THR B 56 -1.93 12.06 12.23
N GLY B 57 -1.72 12.31 13.51
CA GLY B 57 -2.81 12.72 14.37
C GLY B 57 -3.57 11.51 14.90
N LEU B 58 -3.13 10.32 14.51
CA LEU B 58 -3.77 9.09 14.96
C LEU B 58 -3.54 8.82 16.45
N ASN B 59 -4.42 8.05 17.06
CA ASN B 59 -4.25 7.70 18.46
C ASN B 59 -3.30 6.52 18.45
N TYR B 60 -2.12 6.69 19.02
CA TYR B 60 -1.14 5.62 18.99
C TYR B 60 -0.35 5.49 20.28
N THR B 61 0.34 4.36 20.39
CA THR B 61 1.24 4.08 21.50
C THR B 61 2.47 3.55 20.79
N HIS B 62 3.62 4.17 21.06
CA HIS B 62 4.88 3.79 20.41
C HIS B 62 5.78 3.07 21.40
N LEU B 63 5.99 1.78 21.16
CA LEU B 63 6.82 0.94 22.01
C LEU B 63 7.99 0.38 21.22
N HIS B 64 8.90 -0.31 21.91
CA HIS B 64 10.05 -0.90 21.24
C HIS B 64 10.63 -2.08 22.02
N VAL B 65 11.11 -3.06 21.28
CA VAL B 65 11.74 -4.26 21.85
C VAL B 65 12.54 -4.90 20.72
N GLU B 66 13.81 -5.17 20.98
CA GLU B 66 14.68 -5.76 19.96
C GLU B 66 14.62 -7.28 19.94
N THR B 67 14.60 -7.85 18.74
CA THR B 67 14.57 -9.31 18.56
C THR B 67 15.96 -9.88 18.89
N PRO B 68 16.01 -11.03 19.59
CA PRO B 68 17.27 -11.68 19.97
C PRO B 68 18.16 -12.07 18.79
N ARG B 69 19.44 -12.31 19.07
CA ARG B 69 20.43 -12.70 18.06
C ARG B 69 19.90 -13.61 16.97
N ASN B 70 19.13 -14.62 17.36
CA ASN B 70 18.56 -15.57 16.41
C ASN B 70 17.50 -14.91 15.54
N TYR B 71 17.94 -14.18 14.51
CA TYR B 71 17.03 -13.50 13.60
C TYR B 71 17.76 -13.07 12.33
N ILE B 82 12.84 -18.63 15.24
CA ILE B 82 11.52 -18.19 15.64
C ILE B 82 10.93 -17.26 14.58
N PRO B 83 9.59 -17.12 14.55
CA PRO B 83 8.92 -16.27 13.57
C PRO B 83 9.43 -14.84 13.51
N ARG B 84 8.66 -13.97 12.88
CA ARG B 84 9.04 -12.56 12.76
C ARG B 84 7.97 -11.70 13.44
N GLY B 85 8.42 -10.79 14.30
CA GLY B 85 7.50 -9.91 14.99
C GLY B 85 6.96 -10.44 16.31
N THR B 86 7.34 -11.67 16.66
CA THR B 86 6.89 -12.32 17.88
C THR B 86 7.10 -11.55 19.19
N MET B 87 8.34 -11.16 19.47
CA MET B 87 8.62 -10.44 20.69
C MET B 87 7.92 -9.09 20.73
N GLN B 88 7.69 -8.51 19.55
CA GLN B 88 7.01 -7.23 19.46
C GLN B 88 5.52 -7.39 19.76
N ARG B 89 4.90 -8.44 19.23
CA ARG B 89 3.49 -8.65 19.51
C ARG B 89 3.31 -8.98 20.98
N ASN B 90 4.24 -9.74 21.55
CA ASN B 90 4.15 -10.10 22.96
C ASN B 90 4.27 -8.88 23.86
N LEU B 91 5.12 -7.93 23.47
CA LEU B 91 5.29 -6.72 24.26
C LEU B 91 3.97 -5.97 24.28
N ALA B 92 3.28 -5.94 23.14
CA ALA B 92 2.00 -5.25 23.03
C ALA B 92 0.96 -5.92 23.90
N LEU B 93 0.96 -7.25 23.93
CA LEU B 93 0.00 -7.98 24.76
C LEU B 93 0.24 -7.62 26.23
N ARG B 94 1.50 -7.58 26.64
CA ARG B 94 1.83 -7.24 28.03
C ARG B 94 1.42 -5.80 28.33
N TRP B 95 1.64 -4.90 27.38
CA TRP B 95 1.28 -3.49 27.58
C TRP B 95 -0.24 -3.38 27.79
N LEU B 96 -1.01 -4.11 27.00
CA LEU B 96 -2.46 -4.08 27.13
C LEU B 96 -2.90 -4.53 28.53
N ARG B 97 -2.28 -5.60 29.03
CA ARG B 97 -2.62 -6.13 30.34
C ARG B 97 -2.19 -5.22 31.48
N GLU B 98 -1.17 -4.40 31.24
CA GLU B 98 -0.71 -3.48 32.25
C GLU B 98 -1.49 -2.17 32.20
N THR B 99 -2.15 -1.92 31.08
CA THR B 99 -2.91 -0.70 30.87
C THR B 99 -4.40 -0.81 31.20
N PHE B 100 -5.00 -1.95 30.87
CA PHE B 100 -6.42 -2.19 31.10
C PHE B 100 -6.64 -3.28 32.13
N PRO B 101 -7.42 -2.99 33.19
CA PRO B 101 -7.69 -3.99 34.23
C PRO B 101 -8.44 -5.20 33.68
N ARG B 102 -8.15 -6.37 34.24
CA ARG B 102 -8.78 -7.62 33.81
C ARG B 102 -10.27 -7.48 33.51
N ASN B 103 -11.03 -6.99 34.48
CA ASN B 103 -12.47 -6.82 34.30
C ASN B 103 -12.88 -5.41 33.85
N SER B 104 -12.05 -4.79 33.01
CA SER B 104 -12.35 -3.45 32.53
C SER B 104 -13.67 -3.48 31.77
N SER B 105 -14.37 -2.36 31.73
CA SER B 105 -15.66 -2.29 31.05
C SER B 105 -15.56 -1.63 29.67
N GLN B 106 -14.44 -0.97 29.39
CA GLN B 106 -14.25 -0.29 28.12
C GLN B 106 -14.03 -1.31 26.99
N PRO B 107 -15.04 -1.49 26.13
CA PRO B 107 -14.95 -2.43 25.02
C PRO B 107 -13.77 -2.23 24.08
N GLY B 108 -13.11 -3.34 23.77
CA GLY B 108 -11.97 -3.31 22.86
C GLY B 108 -11.82 -4.60 22.07
N VAL B 109 -11.10 -4.50 20.97
CA VAL B 109 -10.82 -5.64 20.09
C VAL B 109 -9.34 -5.50 19.72
N VAL B 110 -8.64 -6.62 19.67
CA VAL B 110 -7.21 -6.64 19.35
C VAL B 110 -6.97 -7.32 18.01
N TYR B 111 -6.20 -6.64 17.16
CA TYR B 111 -5.90 -7.14 15.83
C TYR B 111 -4.40 -6.99 15.57
N PHE B 112 -3.77 -8.08 15.14
CA PHE B 112 -2.34 -8.09 14.85
C PHE B 112 -2.16 -7.87 13.35
N ALA B 113 -1.80 -6.64 13.00
CA ALA B 113 -1.64 -6.23 11.61
C ALA B 113 -0.21 -5.89 11.24
N ASP B 114 0.41 -6.74 10.44
CA ASP B 114 1.78 -6.51 10.01
C ASP B 114 1.82 -5.28 9.10
N ASP B 115 2.98 -4.63 9.03
CA ASP B 115 3.07 -3.40 8.26
C ASP B 115 3.09 -3.45 6.74
N ASP B 116 3.17 -4.65 6.17
CA ASP B 116 3.19 -4.78 4.72
C ASP B 116 1.91 -5.34 4.12
N ASN B 117 0.98 -5.81 4.96
CA ASN B 117 -0.28 -6.35 4.44
C ASN B 117 -1.16 -5.22 3.92
N THR B 118 -2.18 -5.60 3.16
CA THR B 118 -3.14 -4.66 2.59
C THR B 118 -4.47 -4.90 3.30
N TYR B 119 -5.05 -3.84 3.85
CA TYR B 119 -6.32 -3.96 4.59
C TYR B 119 -7.46 -3.13 4.00
N SER B 120 -8.63 -3.73 3.83
CA SER B 120 -9.78 -3.00 3.33
C SER B 120 -10.45 -2.32 4.54
N LEU B 121 -11.23 -1.27 4.29
CA LEU B 121 -11.90 -0.59 5.38
C LEU B 121 -13.00 -1.48 5.94
N GLU B 122 -13.61 -2.29 5.08
CA GLU B 122 -14.67 -3.19 5.50
C GLU B 122 -14.18 -4.20 6.54
N LEU B 123 -12.90 -4.55 6.45
CA LEU B 123 -12.31 -5.49 7.39
C LEU B 123 -12.47 -5.02 8.83
N PHE B 124 -12.19 -3.74 9.07
CA PHE B 124 -12.30 -3.21 10.43
C PHE B 124 -13.75 -3.14 10.91
N GLU B 125 -14.69 -2.86 10.00
CA GLU B 125 -16.09 -2.80 10.39
C GLU B 125 -16.55 -4.20 10.82
N GLU B 126 -16.03 -5.22 10.14
CA GLU B 126 -16.37 -6.61 10.44
C GLU B 126 -15.82 -7.10 11.78
N MET B 127 -14.60 -6.71 12.13
CA MET B 127 -14.01 -7.16 13.39
C MET B 127 -14.41 -6.36 14.61
N ARG B 128 -14.99 -5.18 14.41
CA ARG B 128 -15.34 -4.36 15.56
C ARG B 128 -16.35 -4.96 16.54
N SER B 129 -17.27 -5.80 16.04
CA SER B 129 -18.28 -6.41 16.90
C SER B 129 -17.85 -7.72 17.53
N THR B 130 -16.58 -8.09 17.36
CA THR B 130 -16.05 -9.34 17.91
C THR B 130 -16.39 -9.52 19.38
N ARG B 131 -17.01 -10.65 19.71
CA ARG B 131 -17.39 -10.94 21.09
C ARG B 131 -16.31 -11.77 21.78
N ARG B 132 -15.77 -12.76 21.08
CA ARG B 132 -14.71 -13.60 21.64
C ARG B 132 -13.55 -13.56 20.65
N VAL B 133 -13.65 -14.34 19.58
CA VAL B 133 -12.63 -14.35 18.53
C VAL B 133 -13.36 -14.45 17.20
N SER B 134 -12.98 -13.58 16.25
CA SER B 134 -13.58 -13.58 14.92
C SER B 134 -12.54 -14.03 13.89
N VAL B 135 -12.98 -14.62 12.79
CA VAL B 135 -12.05 -15.09 11.76
C VAL B 135 -12.60 -14.80 10.37
N TRP B 136 -11.70 -14.75 9.39
CA TRP B 136 -12.08 -14.50 8.01
C TRP B 136 -10.99 -14.97 7.06
N PRO B 137 -11.30 -15.04 5.76
CA PRO B 137 -10.33 -15.47 4.76
C PRO B 137 -9.19 -14.47 4.60
N VAL B 138 -8.00 -14.96 4.23
CA VAL B 138 -6.83 -14.12 4.03
C VAL B 138 -6.22 -14.50 2.68
N ALA B 139 -5.96 -13.52 1.82
CA ALA B 139 -5.37 -13.82 0.53
C ALA B 139 -3.86 -13.92 0.61
N PHE B 140 -3.28 -14.70 -0.29
CA PHE B 140 -1.85 -14.88 -0.42
C PHE B 140 -1.12 -15.45 0.80
N VAL B 141 -1.68 -16.51 1.38
CA VAL B 141 -1.06 -17.17 2.52
C VAL B 141 -1.11 -18.68 2.29
N GLY B 142 -0.22 -19.40 2.95
CA GLY B 142 -0.18 -20.84 2.81
C GLY B 142 -0.02 -21.36 1.39
N GLY B 143 0.67 -20.59 0.55
CA GLY B 143 0.89 -20.97 -0.82
C GLY B 143 -0.36 -21.04 -1.68
N LEU B 144 -1.40 -20.34 -1.24
CA LEU B 144 -2.68 -20.34 -1.95
C LEU B 144 -3.17 -18.94 -2.29
N ARG B 145 -4.18 -18.86 -3.15
CA ARG B 145 -4.76 -17.58 -3.53
C ARG B 145 -5.33 -16.99 -2.25
N TYR B 146 -5.78 -17.86 -1.36
CA TYR B 146 -6.33 -17.44 -0.08
C TYR B 146 -6.67 -18.64 0.79
N GLU B 147 -6.66 -18.44 2.10
CA GLU B 147 -7.04 -19.49 3.04
C GLU B 147 -8.36 -18.99 3.59
N ALA B 148 -9.23 -19.92 3.99
CA ALA B 148 -10.51 -19.53 4.53
C ALA B 148 -11.03 -20.56 5.51
N PRO B 149 -11.61 -20.11 6.63
CA PRO B 149 -12.14 -21.04 7.61
C PRO B 149 -13.34 -21.76 6.97
N ARG B 150 -13.58 -23.00 7.36
CA ARG B 150 -14.70 -23.76 6.82
C ARG B 150 -15.91 -23.51 7.74
N VAL B 151 -16.98 -22.99 7.17
CA VAL B 151 -18.19 -22.67 7.93
C VAL B 151 -19.39 -23.45 7.40
N ASN B 152 -20.15 -24.09 8.29
CA ASN B 152 -21.31 -24.85 7.87
C ASN B 152 -22.53 -23.96 7.67
N GLY B 153 -23.66 -24.56 7.29
CA GLY B 153 -24.87 -23.80 7.07
C GLY B 153 -25.41 -23.14 8.31
N ALA B 154 -24.98 -23.60 9.48
CA ALA B 154 -25.43 -23.03 10.74
C ALA B 154 -24.62 -21.79 11.12
N GLY B 155 -23.54 -21.55 10.38
CA GLY B 155 -22.71 -20.40 10.66
C GLY B 155 -21.59 -20.66 11.65
N LYS B 156 -21.26 -21.92 11.85
CA LYS B 156 -20.19 -22.28 12.78
C LYS B 156 -18.93 -22.68 12.04
N VAL B 157 -17.77 -22.41 12.65
CA VAL B 157 -16.49 -22.79 12.06
C VAL B 157 -16.26 -24.25 12.45
N VAL B 158 -16.05 -25.12 11.47
CA VAL B 158 -15.84 -26.53 11.74
C VAL B 158 -14.49 -27.04 11.27
N ARG B 159 -13.75 -26.19 10.56
CA ARG B 159 -12.44 -26.58 10.03
C ARG B 159 -11.80 -25.41 9.30
N TRP B 160 -10.81 -25.73 8.47
CA TRP B 160 -10.10 -24.72 7.71
C TRP B 160 -9.82 -25.23 6.30
N LYS B 161 -9.94 -24.35 5.31
CA LYS B 161 -9.67 -24.72 3.93
C LYS B 161 -8.26 -24.26 3.59
N THR B 162 -7.29 -25.14 3.84
CA THR B 162 -5.89 -24.83 3.56
C THR B 162 -5.17 -26.06 3.01
N VAL B 163 -3.94 -25.86 2.55
CA VAL B 163 -3.12 -26.94 2.02
C VAL B 163 -1.94 -27.11 2.95
N PHE B 164 -1.37 -26.00 3.41
CA PHE B 164 -0.25 -26.06 4.34
C PHE B 164 -0.76 -26.59 5.69
N ASP B 165 -0.07 -27.60 6.21
CA ASP B 165 -0.38 -28.25 7.48
C ASP B 165 -1.79 -27.99 8.01
N PRO B 166 -2.80 -28.62 7.40
CA PRO B 166 -4.21 -28.45 7.78
C PRO B 166 -4.58 -28.98 9.18
N HIS B 167 -3.61 -29.54 9.89
CA HIS B 167 -3.86 -30.08 11.21
C HIS B 167 -3.58 -29.14 12.38
N ARG B 168 -3.03 -27.96 12.10
CA ARG B 168 -2.76 -27.00 13.16
C ARG B 168 -4.10 -26.62 13.78
N PRO B 169 -4.16 -26.50 15.12
CA PRO B 169 -5.39 -26.14 15.84
C PRO B 169 -6.14 -25.00 15.17
N PHE B 170 -5.41 -23.99 14.73
CA PHE B 170 -6.00 -22.84 14.05
C PHE B 170 -5.19 -22.57 12.79
N ALA B 171 -5.60 -23.19 11.69
CA ALA B 171 -4.93 -23.03 10.40
C ALA B 171 -5.30 -21.69 9.78
N ILE B 172 -4.77 -20.61 10.33
CA ILE B 172 -5.10 -19.29 9.82
C ILE B 172 -3.95 -18.31 10.05
N ASP B 173 -3.81 -17.35 9.14
CA ASP B 173 -2.73 -16.37 9.26
C ASP B 173 -3.03 -15.29 10.30
N MET B 174 -1.97 -14.63 10.74
CA MET B 174 -2.03 -13.57 11.75
C MET B 174 -3.06 -12.48 11.40
N ALA B 175 -3.17 -12.15 10.12
CA ALA B 175 -4.10 -11.11 9.68
C ALA B 175 -5.53 -11.61 9.52
N GLY B 176 -5.77 -12.88 9.83
CA GLY B 176 -7.10 -13.43 9.68
C GLY B 176 -8.01 -13.52 10.88
N PHE B 177 -7.62 -12.94 12.00
CA PHE B 177 -8.48 -13.01 13.19
C PHE B 177 -8.30 -11.82 14.10
N ALA B 178 -9.28 -11.60 14.97
CA ALA B 178 -9.23 -10.52 15.94
C ALA B 178 -9.78 -11.10 17.25
N VAL B 179 -9.33 -10.55 18.36
CA VAL B 179 -9.75 -11.04 19.67
C VAL B 179 -10.35 -9.96 20.55
N ASN B 180 -11.47 -10.25 21.20
CA ASN B 180 -12.06 -9.25 22.09
C ASN B 180 -11.03 -9.04 23.20
N LEU B 181 -10.77 -7.78 23.53
CA LEU B 181 -9.79 -7.43 24.56
C LEU B 181 -10.02 -8.16 25.88
N ARG B 182 -11.28 -8.39 26.22
CA ARG B 182 -11.62 -9.08 27.46
C ARG B 182 -10.92 -10.43 27.59
N LEU B 183 -10.88 -11.20 26.50
CA LEU B 183 -10.22 -12.50 26.54
C LEU B 183 -8.72 -12.35 26.78
N ILE B 184 -8.12 -11.34 26.13
CA ILE B 184 -6.69 -11.08 26.30
C ILE B 184 -6.37 -10.74 27.75
N LEU B 185 -7.23 -9.97 28.40
CA LEU B 185 -7.00 -9.58 29.79
C LEU B 185 -7.25 -10.74 30.76
N GLN B 186 -8.26 -11.56 30.49
CA GLN B 186 -8.57 -12.69 31.35
C GLN B 186 -7.48 -13.76 31.30
N ARG B 187 -7.00 -14.03 30.10
CA ARG B 187 -5.93 -15.01 29.90
C ARG B 187 -4.62 -14.24 29.94
N SER B 188 -4.32 -13.66 31.10
CA SER B 188 -3.15 -12.84 31.29
C SER B 188 -1.80 -13.46 31.00
N GLN B 189 -1.72 -14.79 30.98
CA GLN B 189 -0.46 -15.46 30.74
C GLN B 189 -0.31 -15.98 29.32
N ALA B 190 -1.33 -15.79 28.48
CA ALA B 190 -1.28 -16.26 27.11
C ALA B 190 -0.48 -15.34 26.19
N TYR B 191 0.63 -15.87 25.67
CA TYR B 191 1.50 -15.13 24.77
C TYR B 191 1.86 -15.99 23.57
N PHE B 192 2.37 -15.35 22.53
CA PHE B 192 2.78 -16.11 21.35
C PHE B 192 4.04 -16.88 21.74
N LYS B 193 4.13 -18.13 21.31
CA LYS B 193 5.27 -18.96 21.64
C LYS B 193 6.44 -18.62 20.73
N LEU B 194 7.64 -18.51 21.31
CA LEU B 194 8.82 -18.21 20.50
C LEU B 194 9.89 -19.29 20.63
N ARG B 195 9.95 -19.95 21.79
CA ARG B 195 10.93 -21.01 22.02
C ARG B 195 10.64 -22.22 21.14
N GLY B 196 10.24 -23.34 21.74
CA GLY B 196 9.94 -24.53 20.96
C GLY B 196 8.68 -24.30 20.15
N VAL B 197 8.83 -23.70 18.97
CA VAL B 197 7.68 -23.40 18.13
C VAL B 197 7.82 -23.91 16.70
N LYS B 198 6.86 -24.72 16.25
CA LYS B 198 6.88 -25.24 14.89
C LYS B 198 6.45 -24.12 13.96
N GLY B 199 7.13 -24.00 12.82
CA GLY B 199 6.79 -22.96 11.87
C GLY B 199 5.33 -23.04 11.46
N GLY B 200 4.63 -21.91 11.54
CA GLY B 200 3.22 -21.87 11.17
C GLY B 200 2.28 -22.18 12.32
N TYR B 201 2.82 -22.29 13.54
CA TYR B 201 2.01 -22.60 14.71
C TYR B 201 1.94 -21.46 15.71
N GLN B 202 2.41 -20.29 15.31
CA GLN B 202 2.39 -19.15 16.18
C GLN B 202 0.95 -18.72 16.48
N GLU B 203 0.11 -18.68 15.46
CA GLU B 203 -1.28 -18.29 15.66
C GLU B 203 -1.98 -19.27 16.61
N SER B 204 -1.78 -20.57 16.37
CA SER B 204 -2.37 -21.61 17.21
C SER B 204 -1.86 -21.52 18.64
N SER B 205 -0.57 -21.21 18.82
CA SER B 205 0.00 -21.15 20.17
C SER B 205 -0.75 -20.17 21.07
N LEU B 206 -1.30 -19.11 20.49
CA LEU B 206 -2.04 -18.13 21.26
C LEU B 206 -3.54 -18.45 21.30
N LEU B 207 -4.14 -18.63 20.14
CA LEU B 207 -5.58 -18.90 20.05
C LEU B 207 -6.05 -20.12 20.85
N ARG B 208 -5.25 -21.16 20.86
CA ARG B 208 -5.59 -22.38 21.58
C ARG B 208 -5.86 -22.09 23.06
N GLU B 209 -5.15 -21.12 23.61
CA GLU B 209 -5.31 -20.76 25.02
C GLU B 209 -6.47 -19.79 25.26
N LEU B 210 -6.95 -19.16 24.19
CA LEU B 210 -8.02 -18.18 24.29
C LEU B 210 -9.43 -18.62 23.91
N VAL B 211 -9.53 -19.49 22.91
CA VAL B 211 -10.85 -19.87 22.44
C VAL B 211 -10.88 -21.26 21.79
N THR B 212 -12.08 -21.80 21.62
CA THR B 212 -12.23 -23.09 20.96
C THR B 212 -12.86 -22.86 19.59
N LEU B 213 -12.62 -23.81 18.68
CA LEU B 213 -13.13 -23.71 17.32
C LEU B 213 -14.60 -23.31 17.20
N ASN B 214 -15.45 -23.99 17.94
CA ASN B 214 -16.88 -23.74 17.87
C ASN B 214 -17.32 -22.35 18.34
N ASP B 215 -16.44 -21.63 19.05
CA ASP B 215 -16.79 -20.30 19.53
C ASP B 215 -16.30 -19.18 18.59
N LEU B 216 -15.63 -19.55 17.51
CA LEU B 216 -15.13 -18.57 16.56
C LEU B 216 -16.30 -17.92 15.82
N GLU B 217 -16.17 -16.63 15.55
CA GLU B 217 -17.20 -15.86 14.87
C GLU B 217 -16.79 -15.58 13.43
N PRO B 218 -17.36 -16.32 12.46
CA PRO B 218 -17.01 -16.11 11.05
C PRO B 218 -17.47 -14.77 10.48
N LYS B 219 -16.57 -14.06 9.83
CA LYS B 219 -16.91 -12.77 9.25
C LYS B 219 -16.80 -12.85 7.73
N ALA B 220 -16.94 -11.72 7.06
CA ALA B 220 -16.84 -11.66 5.61
C ALA B 220 -17.86 -12.59 4.95
N ALA B 221 -19.14 -12.40 5.29
CA ALA B 221 -20.22 -13.20 4.73
C ALA B 221 -19.95 -14.70 4.88
N ASN B 222 -19.83 -15.15 6.13
CA ASN B 222 -19.54 -16.55 6.42
C ASN B 222 -18.28 -17.04 5.73
N CYS B 223 -17.26 -16.20 5.76
CA CYS B 223 -15.96 -16.50 5.17
C CYS B 223 -15.99 -16.86 3.70
N THR B 224 -16.68 -16.04 2.91
CA THR B 224 -16.76 -16.25 1.46
C THR B 224 -16.13 -15.07 0.71
N LYS B 225 -15.78 -14.01 1.44
CA LYS B 225 -15.16 -12.83 0.80
C LYS B 225 -13.76 -12.56 1.35
N ILE B 226 -12.89 -11.99 0.52
CA ILE B 226 -11.54 -11.66 0.93
C ILE B 226 -11.45 -10.16 1.20
N LEU B 227 -11.15 -9.82 2.45
CA LEU B 227 -11.08 -8.43 2.87
C LEU B 227 -9.70 -7.98 3.31
N VAL B 228 -8.72 -8.88 3.24
CA VAL B 228 -7.37 -8.57 3.64
C VAL B 228 -6.43 -9.41 2.78
N TRP B 229 -5.32 -8.82 2.38
CA TRP B 229 -4.34 -9.48 1.51
C TRP B 229 -2.95 -9.47 2.11
N HIS B 230 -2.30 -10.62 2.08
CA HIS B 230 -0.96 -10.78 2.62
C HIS B 230 0.08 -10.39 1.57
N THR B 231 0.05 -9.12 1.18
CA THR B 231 0.97 -8.59 0.19
C THR B 231 2.37 -8.46 0.79
N ARG B 232 3.37 -8.57 -0.08
CA ARG B 232 4.78 -8.49 0.29
C ARG B 232 5.40 -7.39 -0.57
N THR B 233 6.34 -6.65 -0.01
CA THR B 233 7.00 -5.57 -0.75
C THR B 233 8.41 -5.94 -1.19
N GLU B 234 8.69 -5.68 -2.47
CA GLU B 234 9.99 -6.00 -3.05
C GLU B 234 11.11 -5.15 -2.47
N LYS B 235 12.29 -5.74 -2.38
CA LYS B 235 13.46 -5.04 -1.87
C LYS B 235 13.94 -4.06 -2.96
N PRO B 236 14.11 -2.78 -2.61
CA PRO B 236 14.57 -1.81 -3.62
C PRO B 236 16.03 -2.05 -4.01
N VAL B 237 16.35 -1.77 -5.27
CA VAL B 237 17.72 -1.94 -5.76
C VAL B 237 18.49 -0.64 -5.50
N LEU B 238 19.51 -0.71 -4.65
CA LEU B 238 20.31 0.45 -4.31
C LEU B 238 21.74 0.32 -4.81
N VAL B 239 21.92 -0.46 -5.86
CA VAL B 239 23.25 -0.70 -6.42
C VAL B 239 23.98 0.56 -6.85
N ASN B 240 23.26 1.58 -7.31
CA ASN B 240 23.92 2.80 -7.76
C ASN B 240 24.43 3.72 -6.66
N GLU B 241 24.16 3.38 -5.41
CA GLU B 241 24.65 4.19 -4.29
C GLU B 241 26.14 3.93 -4.10
N GLY B 242 26.59 2.75 -4.51
CA GLY B 242 27.99 2.41 -4.37
C GLY B 242 28.36 2.08 -2.94
N LYS B 243 29.66 2.05 -2.65
CA LYS B 243 30.14 1.74 -1.31
C LYS B 243 30.24 3.00 -0.46
N LYS B 244 30.37 4.15 -1.11
CA LYS B 244 30.50 5.42 -0.41
C LYS B 244 29.16 6.14 -0.31
N GLY B 245 28.20 5.72 -1.13
CA GLY B 245 26.89 6.35 -1.12
C GLY B 245 26.83 7.50 -2.10
N PHE B 246 25.65 7.76 -2.66
CA PHE B 246 25.48 8.85 -3.61
C PHE B 246 24.51 9.89 -3.08
N THR B 247 23.38 9.44 -2.55
CA THR B 247 22.40 10.35 -2.01
C THR B 247 22.80 10.85 -0.63
N ASP B 248 22.06 11.84 -0.13
CA ASP B 248 22.34 12.40 1.19
C ASP B 248 21.77 11.45 2.25
N PRO B 249 22.63 10.91 3.12
CA PRO B 249 22.17 9.99 4.17
C PRO B 249 21.25 10.65 5.20
N SER B 250 21.28 11.98 5.25
CA SER B 250 20.44 12.72 6.19
C SER B 250 19.01 12.94 5.66
N VAL B 251 18.80 12.68 4.37
CA VAL B 251 17.48 12.82 3.75
C VAL B 251 16.70 11.54 4.03
N GLU B 252 15.62 11.66 4.78
CA GLU B 252 14.82 10.50 5.17
C GLU B 252 13.92 9.93 4.07
N ILE B 253 13.96 8.60 3.92
CA ILE B 253 13.13 7.90 2.94
C ILE B 253 12.31 6.82 3.64
#